data_4WKJ
#
_entry.id   4WKJ
#
_cell.length_a   46.649
_cell.length_b   44.459
_cell.length_c   83.346
_cell.angle_alpha   90.00
_cell.angle_beta   105.27
_cell.angle_gamma   90.00
#
_symmetry.space_group_name_H-M   'P 1 21 1'
#
loop_
_entity.id
_entity.type
_entity.pdbx_description
1 polymer "RNA (5'-R(*GP*AP*CP*AP*CP*CP*UP*GP*AP*UP*UP*C)-3')"
2 polymer "DNA (5'-D(*GP*AP*AP*TP*CP*AP*GP*GP*TP*GP*TP*C)-3')"
3 non-polymer 'MAGNESIUM ION'
4 water water
#
loop_
_entity_poly.entity_id
_entity_poly.type
_entity_poly.pdbx_seq_one_letter_code
_entity_poly.pdbx_strand_id
1 'polyribonucleotide' GACACCUGAUUC D,A,C,G
2 'polydeoxyribonucleotide' (DG)(DA)(DA)(DT)(DC)(DA)(DG)(DG)(DT)(DG)(DT)(DC) E,B,F,H
#
loop_
_chem_comp.id
_chem_comp.type
_chem_comp.name
_chem_comp.formula
A RNA linking ADENOSINE-5'-MONOPHOSPHATE 'C10 H14 N5 O7 P'
C RNA linking CYTIDINE-5'-MONOPHOSPHATE 'C9 H14 N3 O8 P'
DA DNA linking 2'-DEOXYADENOSINE-5'-MONOPHOSPHATE 'C10 H14 N5 O6 P'
DC DNA linking 2'-DEOXYCYTIDINE-5'-MONOPHOSPHATE 'C9 H14 N3 O7 P'
DG DNA linking 2'-DEOXYGUANOSINE-5'-MONOPHOSPHATE 'C10 H14 N5 O7 P'
DT DNA linking THYMIDINE-5'-MONOPHOSPHATE 'C10 H15 N2 O8 P'
G RNA linking GUANOSINE-5'-MONOPHOSPHATE 'C10 H14 N5 O8 P'
MG non-polymer 'MAGNESIUM ION' 'Mg 2'
U RNA linking URIDINE-5'-MONOPHOSPHATE 'C9 H13 N2 O9 P'
#
# COMPACT_ATOMS: atom_id res chain seq x y z
MG MG I . 0.00 0.00 0.00
#